data_3DHV
#
_entry.id   3DHV
#
_cell.length_a   60.700
_cell.length_b   86.700
_cell.length_c   57.400
_cell.angle_alpha   90.00
_cell.angle_beta   113.50
_cell.angle_gamma   90.00
#
_symmetry.space_group_name_H-M   'P 1 21 1'
#
loop_
_entity.id
_entity.type
_entity.pdbx_description
1 polymer 'D-alanine-poly(phosphoribitol) ligase'
2 non-polymer D-ALANINE
3 non-polymer 'ADENOSINE MONOPHOSPHATE'
4 water water
#
_entity_poly.entity_id   1
_entity_poly.type   'polypeptide(L)'
_entity_poly.pdbx_seq_one_letter_code
;AKLLEQIEKWAAETPDQTAFVWRDAKITYKQLKEDSDALAHWISSEYPDDRSPIMVYGHMQPEMIINFLGCVKAGHAYIP
VDLSIPADRVQRIAENSGAKLLLSATAVTVTDLPVRIVSEDNLKDIFFTHKGNTPNPEHAVKGDENFYIIYTSGSTGNPK
GVQITYNCLVSFTKWAVEDFNLQTGQVFLNQAPFSFDLSVMDIYPSLVTGGTLWAIDKDMIARPKDLFASLEQSDIQVWT
STPSFAEMCLMEASFSESMLPNMKTFLFCGEVLPNEVARKLIERFPKATIMNTYGPTEATVAVTGIHVTEEVLDQYKSLP
VGYCKSDCRLLIMKEDGTIAPDGEKGEIVIVGPSVSVGYLGSPELTEKAFTMIDGERAYKTGDAGYVENGLLFYNGRLDF
QIKLHGYRMELEEIEHHLRACSYVEGAVIVPIKKGEKYDYLLAVVVPGEHSFEKEFKLTSAIKKELNERLPNYMIPRKFM
YQSSIPMTPNGKVDRKKLLSEVTALEHHHHHH
;
_entity_poly.pdbx_strand_id   A
#
loop_
_chem_comp.id
_chem_comp.type
_chem_comp.name
_chem_comp.formula
AMP non-polymer 'ADENOSINE MONOPHOSPHATE' 'C10 H14 N5 O7 P'
#
# COMPACT_ATOMS: atom_id res chain seq x y z
N LYS A 2 -10.59 22.52 1.30
CA LYS A 2 -9.79 22.52 0.04
C LYS A 2 -9.79 21.14 -0.63
N LEU A 3 -9.34 20.12 0.09
CA LEU A 3 -9.31 18.77 -0.46
C LEU A 3 -10.72 18.37 -0.91
N LEU A 4 -11.69 18.50 -0.01
CA LEU A 4 -13.06 18.15 -0.31
C LEU A 4 -13.61 19.04 -1.42
N GLU A 5 -13.11 20.28 -1.47
CA GLU A 5 -13.57 21.23 -2.49
C GLU A 5 -13.07 20.84 -3.87
N GLN A 6 -11.83 20.37 -3.97
CA GLN A 6 -11.33 19.96 -5.27
C GLN A 6 -12.04 18.68 -5.70
N ILE A 7 -12.58 17.93 -4.74
CA ILE A 7 -13.32 16.71 -5.05
C ILE A 7 -14.72 17.10 -5.48
N GLU A 8 -15.36 17.95 -4.69
CA GLU A 8 -16.72 18.42 -4.96
C GLU A 8 -16.78 19.12 -6.32
N LYS A 9 -15.67 19.74 -6.69
CA LYS A 9 -15.56 20.45 -7.96
C LYS A 9 -16.00 19.57 -9.14
N TRP A 10 -15.76 18.28 -9.03
CA TRP A 10 -16.12 17.36 -10.11
C TRP A 10 -17.60 16.99 -10.10
N ALA A 11 -18.24 17.12 -8.95
CA ALA A 11 -19.67 16.81 -8.83
C ALA A 11 -20.48 17.87 -9.56
N ALA A 12 -19.86 19.01 -9.84
CA ALA A 12 -20.52 20.10 -10.53
C ALA A 12 -20.07 20.17 -11.98
N GLU A 13 -18.79 19.94 -12.21
CA GLU A 13 -18.21 19.99 -13.55
C GLU A 13 -18.55 18.74 -14.36
N THR A 14 -18.34 17.58 -13.75
CA THR A 14 -18.60 16.30 -14.41
C THR A 14 -19.43 15.40 -13.48
N PRO A 15 -20.66 15.82 -13.17
CA PRO A 15 -21.55 15.06 -12.29
C PRO A 15 -21.84 13.61 -12.71
N ASP A 16 -21.94 13.37 -14.01
CA ASP A 16 -22.23 12.04 -14.52
C ASP A 16 -21.01 11.17 -14.78
N GLN A 17 -19.83 11.68 -14.45
CA GLN A 17 -18.61 10.91 -14.62
C GLN A 17 -18.62 9.86 -13.52
N THR A 18 -18.20 8.64 -13.87
CA THR A 18 -18.14 7.55 -12.89
C THR A 18 -16.99 7.88 -11.92
N ALA A 19 -17.28 7.93 -10.63
CA ALA A 19 -16.26 8.23 -9.64
C ALA A 19 -15.61 6.95 -9.10
N PHE A 20 -16.41 5.88 -9.05
CA PHE A 20 -15.95 4.59 -8.54
C PHE A 20 -16.79 3.47 -9.14
N VAL A 21 -16.14 2.39 -9.54
CA VAL A 21 -16.85 1.25 -10.09
C VAL A 21 -16.26 -0.06 -9.58
N TRP A 22 -17.15 -0.96 -9.13
CA TRP A 22 -16.78 -2.27 -8.63
C TRP A 22 -17.76 -3.26 -9.25
N ARG A 23 -17.26 -4.09 -10.16
CA ARG A 23 -18.09 -5.05 -10.89
C ARG A 23 -19.26 -4.31 -11.52
N ASP A 24 -20.49 -4.63 -11.11
CA ASP A 24 -21.66 -3.97 -11.69
C ASP A 24 -22.05 -2.71 -10.94
N ALA A 25 -21.57 -2.58 -9.71
CA ALA A 25 -21.88 -1.41 -8.87
C ALA A 25 -20.98 -0.23 -9.18
N LYS A 26 -21.58 0.91 -9.47
CA LYS A 26 -20.80 2.10 -9.77
C LYS A 26 -21.55 3.35 -9.35
N ILE A 27 -20.79 4.39 -9.02
CA ILE A 27 -21.39 5.63 -8.58
C ILE A 27 -20.71 6.81 -9.27
N THR A 28 -21.51 7.81 -9.62
CA THR A 28 -21.00 9.01 -10.29
C THR A 28 -20.56 10.02 -9.25
N TYR A 29 -19.86 11.07 -9.68
CA TYR A 29 -19.41 12.07 -8.73
C TYR A 29 -20.59 12.77 -8.08
N LYS A 30 -21.68 12.94 -8.83
CA LYS A 30 -22.87 13.59 -8.29
C LYS A 30 -23.49 12.71 -7.20
N GLN A 31 -23.58 11.42 -7.46
CA GLN A 31 -24.14 10.51 -6.48
C GLN A 31 -23.21 10.43 -5.26
N LEU A 32 -21.91 10.41 -5.52
CA LEU A 32 -20.93 10.35 -4.43
C LEU A 32 -21.14 11.53 -3.50
N LYS A 33 -21.28 12.72 -4.08
CA LYS A 33 -21.50 13.93 -3.30
C LYS A 33 -22.79 13.86 -2.48
N GLU A 34 -23.88 13.52 -3.16
CA GLU A 34 -25.20 13.44 -2.54
C GLU A 34 -25.34 12.49 -1.35
N ASP A 35 -24.96 11.23 -1.55
CA ASP A 35 -25.07 10.26 -0.47
C ASP A 35 -24.11 10.63 0.64
N SER A 36 -22.92 11.07 0.25
CA SER A 36 -21.90 11.47 1.21
C SER A 36 -22.43 12.62 2.06
N ASP A 37 -23.09 13.58 1.42
CA ASP A 37 -23.65 14.72 2.13
C ASP A 37 -24.76 14.28 3.08
N ALA A 38 -25.62 13.36 2.64
CA ALA A 38 -26.72 12.85 3.46
C ALA A 38 -26.20 12.12 4.69
N LEU A 39 -25.13 11.33 4.51
CA LEU A 39 -24.54 10.60 5.63
C LEU A 39 -23.95 11.59 6.64
N ALA A 40 -23.17 12.55 6.12
CA ALA A 40 -22.55 13.56 6.97
C ALA A 40 -23.60 14.29 7.78
N HIS A 41 -24.71 14.62 7.13
CA HIS A 41 -25.80 15.32 7.80
C HIS A 41 -26.35 14.41 8.89
N TRP A 42 -26.51 13.13 8.57
CA TRP A 42 -27.03 12.17 9.55
C TRP A 42 -26.05 12.03 10.73
N ILE A 43 -24.77 11.89 10.43
CA ILE A 43 -23.77 11.76 11.49
C ILE A 43 -23.83 12.94 12.46
N SER A 44 -23.89 14.15 11.92
CA SER A 44 -23.93 15.36 12.72
C SER A 44 -25.21 15.44 13.57
N SER A 45 -26.31 14.93 13.04
CA SER A 45 -27.57 14.96 13.77
C SER A 45 -27.55 13.95 14.92
N GLU A 46 -26.86 12.83 14.71
CA GLU A 46 -26.76 11.77 15.72
C GLU A 46 -25.65 12.01 16.75
N TYR A 47 -24.58 12.67 16.34
CA TYR A 47 -23.45 12.95 17.22
C TYR A 47 -23.07 14.41 17.10
N PRO A 48 -23.98 15.31 17.54
CA PRO A 48 -23.79 16.76 17.50
C PRO A 48 -22.42 17.33 17.83
N ASP A 49 -21.93 17.13 19.05
CA ASP A 49 -20.62 17.67 19.41
C ASP A 49 -19.62 16.56 19.67
N ASP A 50 -19.59 15.58 18.77
CA ASP A 50 -18.68 14.45 18.90
C ASP A 50 -17.85 14.36 17.64
N ARG A 51 -16.60 13.95 17.79
CA ARG A 51 -15.69 13.82 16.65
C ARG A 51 -14.90 12.53 16.75
N SER A 52 -15.46 11.53 17.43
CA SER A 52 -14.81 10.25 17.60
C SER A 52 -14.60 9.59 16.24
N PRO A 53 -13.52 8.80 16.09
CA PRO A 53 -13.32 8.16 14.79
C PRO A 53 -14.46 7.18 14.49
N ILE A 54 -14.74 6.94 13.22
CA ILE A 54 -15.83 6.05 12.82
C ILE A 54 -15.31 4.90 11.98
N MET A 55 -15.65 3.67 12.38
CA MET A 55 -15.22 2.49 11.64
C MET A 55 -16.07 2.31 10.37
N VAL A 56 -15.40 2.06 9.25
CA VAL A 56 -16.07 1.84 7.97
C VAL A 56 -15.68 0.43 7.54
N TYR A 57 -16.66 -0.48 7.62
CA TYR A 57 -16.46 -1.90 7.35
C TYR A 57 -16.92 -2.42 5.98
N GLY A 58 -16.07 -3.20 5.33
CA GLY A 58 -16.41 -3.74 4.03
C GLY A 58 -15.22 -4.14 3.20
N HIS A 59 -15.40 -4.21 1.88
CA HIS A 59 -14.31 -4.58 0.99
C HIS A 59 -14.17 -3.54 -0.13
N MET A 60 -14.79 -3.82 -1.29
CA MET A 60 -14.70 -2.92 -2.42
C MET A 60 -16.03 -2.26 -2.86
N GLN A 61 -17.05 -2.32 -2.00
CA GLN A 61 -18.33 -1.71 -2.33
C GLN A 61 -18.18 -0.20 -2.47
N PRO A 62 -18.92 0.41 -3.40
CA PRO A 62 -18.85 1.87 -3.60
C PRO A 62 -19.16 2.63 -2.30
N GLU A 63 -19.95 2.02 -1.42
CA GLU A 63 -20.32 2.64 -0.15
C GLU A 63 -19.12 2.93 0.74
N MET A 64 -18.03 2.17 0.54
CA MET A 64 -16.82 2.39 1.33
C MET A 64 -16.37 3.84 1.17
N ILE A 65 -16.28 4.28 -0.08
CA ILE A 65 -15.86 5.63 -0.42
C ILE A 65 -16.89 6.69 0.02
N ILE A 66 -18.17 6.37 -0.14
CA ILE A 66 -19.22 7.30 0.26
C ILE A 66 -19.12 7.53 1.77
N ASN A 67 -18.89 6.45 2.50
CA ASN A 67 -18.79 6.52 3.95
C ASN A 67 -17.53 7.23 4.41
N PHE A 68 -16.44 7.08 3.66
CA PHE A 68 -15.20 7.75 4.01
C PHE A 68 -15.46 9.26 4.01
N LEU A 69 -16.00 9.76 2.90
CA LEU A 69 -16.28 11.18 2.76
C LEU A 69 -17.36 11.69 3.70
N GLY A 70 -18.39 10.88 3.92
CA GLY A 70 -19.45 11.28 4.82
C GLY A 70 -18.87 11.53 6.20
N CYS A 71 -17.95 10.67 6.61
CA CYS A 71 -17.30 10.80 7.91
C CYS A 71 -16.49 12.09 8.03
N VAL A 72 -15.62 12.36 7.06
CA VAL A 72 -14.80 13.57 7.15
C VAL A 72 -15.60 14.87 7.03
N LYS A 73 -16.65 14.86 6.21
CA LYS A 73 -17.49 16.04 6.06
C LYS A 73 -18.11 16.39 7.41
N ALA A 74 -18.36 15.37 8.22
CA ALA A 74 -18.94 15.58 9.54
C ALA A 74 -17.86 15.84 10.58
N GLY A 75 -16.60 15.86 10.14
CA GLY A 75 -15.50 16.11 11.05
C GLY A 75 -14.96 14.88 11.77
N HIS A 76 -15.37 13.70 11.31
CA HIS A 76 -14.91 12.46 11.92
C HIS A 76 -13.89 11.75 11.02
N ALA A 77 -12.80 11.30 11.62
CA ALA A 77 -11.81 10.55 10.84
C ALA A 77 -12.47 9.19 10.69
N TYR A 78 -12.14 8.46 9.62
CA TYR A 78 -12.70 7.14 9.42
C TYR A 78 -11.63 6.08 9.62
N ILE A 79 -12.04 4.88 10.01
CA ILE A 79 -11.12 3.78 10.20
C ILE A 79 -11.50 2.70 9.20
N PRO A 80 -10.73 2.55 8.11
CA PRO A 80 -11.03 1.54 7.10
C PRO A 80 -10.80 0.14 7.68
N VAL A 81 -11.79 -0.73 7.57
CA VAL A 81 -11.67 -2.10 8.06
C VAL A 81 -12.10 -3.09 6.98
N ASP A 82 -11.13 -3.71 6.32
CA ASP A 82 -11.43 -4.66 5.27
C ASP A 82 -12.00 -5.95 5.85
N LEU A 83 -12.75 -6.67 5.03
CA LEU A 83 -13.36 -7.93 5.44
C LEU A 83 -12.31 -8.97 5.84
N SER A 84 -11.10 -8.82 5.31
CA SER A 84 -10.01 -9.74 5.59
C SER A 84 -9.41 -9.62 6.99
N ILE A 85 -9.61 -8.49 7.65
CA ILE A 85 -9.06 -8.31 8.99
C ILE A 85 -9.70 -9.26 9.99
N PRO A 86 -8.89 -10.02 10.74
CA PRO A 86 -9.37 -10.98 11.74
C PRO A 86 -10.32 -10.34 12.76
N ALA A 87 -11.36 -11.07 13.12
CA ALA A 87 -12.35 -10.61 14.08
C ALA A 87 -11.73 -10.04 15.36
N ASP A 88 -10.78 -10.75 15.95
CA ASP A 88 -10.14 -10.29 17.17
C ASP A 88 -9.49 -8.92 16.99
N ARG A 89 -8.94 -8.71 15.80
CA ARG A 89 -8.28 -7.46 15.44
C ARG A 89 -9.30 -6.35 15.35
N VAL A 90 -10.42 -6.63 14.70
CA VAL A 90 -11.49 -5.66 14.54
C VAL A 90 -12.01 -5.26 15.92
N GLN A 91 -12.10 -6.24 16.83
CA GLN A 91 -12.58 -5.98 18.18
C GLN A 91 -11.59 -5.09 18.93
N ARG A 92 -10.31 -5.30 18.69
CA ARG A 92 -9.28 -4.50 19.33
C ARG A 92 -9.38 -3.07 18.80
N ILE A 93 -9.48 -2.95 17.49
CA ILE A 93 -9.59 -1.64 16.86
C ILE A 93 -10.78 -0.87 17.46
N ALA A 94 -11.91 -1.55 17.58
CA ALA A 94 -13.11 -0.94 18.13
C ALA A 94 -12.84 -0.37 19.53
N GLU A 95 -12.17 -1.16 20.36
CA GLU A 95 -11.87 -0.76 21.73
C GLU A 95 -10.75 0.28 21.86
N ASN A 96 -9.70 0.13 21.06
CA ASN A 96 -8.57 1.06 21.09
C ASN A 96 -8.90 2.43 20.52
N SER A 97 -9.58 2.44 19.37
CA SER A 97 -9.93 3.68 18.70
C SER A 97 -10.90 4.60 19.42
N GLY A 98 -11.70 4.05 20.33
CA GLY A 98 -12.67 4.89 21.01
C GLY A 98 -13.81 5.21 20.04
N ALA A 99 -13.99 4.37 19.02
CA ALA A 99 -15.07 4.55 18.06
C ALA A 99 -16.42 4.29 18.74
N LYS A 100 -17.44 5.01 18.32
CA LYS A 100 -18.78 4.84 18.89
C LYS A 100 -19.70 4.28 17.82
N LEU A 101 -19.24 4.35 16.57
CA LEU A 101 -20.04 3.91 15.43
C LEU A 101 -19.26 3.14 14.39
N LEU A 102 -19.96 2.23 13.72
CA LEU A 102 -19.39 1.44 12.64
C LEU A 102 -20.41 1.43 11.51
N LEU A 103 -19.95 1.79 10.31
CA LEU A 103 -20.80 1.84 9.12
C LEU A 103 -20.35 0.79 8.11
N SER A 104 -21.28 -0.03 7.61
CA SER A 104 -20.93 -1.03 6.61
C SER A 104 -22.05 -1.21 5.59
N ALA A 105 -21.67 -1.43 4.34
CA ALA A 105 -22.67 -1.64 3.29
C ALA A 105 -23.10 -3.10 3.34
N THR A 106 -22.14 -3.98 3.62
CA THR A 106 -22.41 -5.40 3.68
C THR A 106 -22.71 -5.86 5.12
N ALA A 107 -22.89 -7.17 5.31
CA ALA A 107 -23.19 -7.72 6.63
C ALA A 107 -21.96 -7.83 7.53
N VAL A 108 -22.05 -7.28 8.74
CA VAL A 108 -20.94 -7.34 9.70
C VAL A 108 -20.92 -8.69 10.42
N THR A 109 -19.93 -9.51 10.06
CA THR A 109 -19.78 -10.85 10.63
C THR A 109 -19.01 -10.95 11.94
N VAL A 110 -18.32 -9.90 12.33
CA VAL A 110 -17.54 -9.92 13.57
C VAL A 110 -18.41 -9.88 14.82
N THR A 111 -18.20 -10.88 15.70
CA THR A 111 -18.96 -11.00 16.95
C THR A 111 -19.06 -9.66 17.68
N ASP A 112 -20.28 -9.32 18.08
CA ASP A 112 -20.59 -8.09 18.79
C ASP A 112 -19.41 -7.22 19.21
N LEU A 113 -19.45 -5.98 18.75
CA LEU A 113 -18.43 -4.98 19.04
C LEU A 113 -19.02 -3.93 19.95
N PRO A 114 -18.18 -3.29 20.78
CA PRO A 114 -18.68 -2.25 21.70
C PRO A 114 -18.87 -0.96 20.92
N VAL A 115 -19.58 -1.07 19.80
CA VAL A 115 -19.83 0.08 18.92
C VAL A 115 -21.23 -0.04 18.31
N ARG A 116 -21.87 1.09 18.06
CA ARG A 116 -23.19 1.10 17.44
C ARG A 116 -23.04 0.71 15.97
N ILE A 117 -23.65 -0.40 15.58
CA ILE A 117 -23.54 -0.87 14.21
C ILE A 117 -24.68 -0.41 13.29
N VAL A 118 -24.32 0.28 12.22
CA VAL A 118 -25.28 0.74 11.22
C VAL A 118 -24.88 -0.02 9.96
N SER A 119 -25.69 -0.98 9.56
CA SER A 119 -25.32 -1.78 8.40
C SER A 119 -26.41 -2.09 7.39
N GLU A 120 -25.98 -2.47 6.20
CA GLU A 120 -26.86 -2.84 5.11
C GLU A 120 -28.02 -1.88 4.91
N ASP A 121 -29.24 -2.35 5.16
CA ASP A 121 -30.42 -1.52 4.98
C ASP A 121 -30.43 -0.26 5.84
N ASN A 122 -29.85 -0.33 7.03
CA ASN A 122 -29.81 0.84 7.90
C ASN A 122 -29.00 1.96 7.27
N LEU A 123 -27.94 1.58 6.55
CA LEU A 123 -27.10 2.58 5.89
C LEU A 123 -27.92 3.16 4.73
N LYS A 124 -28.60 2.28 4.00
CA LYS A 124 -29.43 2.68 2.87
C LYS A 124 -30.49 3.65 3.35
N ASP A 125 -31.07 3.37 4.51
CA ASP A 125 -32.11 4.24 5.06
C ASP A 125 -31.63 5.68 5.30
N ILE A 126 -30.40 5.87 5.76
CA ILE A 126 -29.93 7.23 5.99
C ILE A 126 -29.75 7.97 4.65
N PHE A 127 -29.30 7.25 3.60
CA PHE A 127 -29.13 7.86 2.29
C PHE A 127 -30.49 8.36 1.78
N PHE A 128 -31.54 7.59 2.08
CA PHE A 128 -32.88 7.95 1.66
C PHE A 128 -33.44 9.02 2.58
N THR A 129 -33.39 8.74 3.87
CA THR A 129 -33.90 9.63 4.90
C THR A 129 -33.32 11.05 4.88
N HIS A 130 -32.02 11.17 4.62
CA HIS A 130 -31.39 12.49 4.59
C HIS A 130 -31.02 12.96 3.19
N LYS A 131 -31.66 12.36 2.18
CA LYS A 131 -31.40 12.73 0.80
C LYS A 131 -31.69 14.21 0.60
N GLY A 132 -30.72 14.92 0.00
CA GLY A 132 -30.90 16.34 -0.25
C GLY A 132 -30.27 17.24 0.80
N ASN A 133 -30.12 16.71 2.00
CA ASN A 133 -29.52 17.49 3.07
C ASN A 133 -28.02 17.61 2.90
N THR A 134 -27.45 18.67 3.46
CA THR A 134 -26.02 18.89 3.38
C THR A 134 -25.51 19.24 4.76
N PRO A 135 -24.26 18.86 5.05
CA PRO A 135 -23.64 19.14 6.35
C PRO A 135 -23.01 20.54 6.42
N ASN A 136 -22.88 21.05 7.63
CA ASN A 136 -22.29 22.36 7.87
C ASN A 136 -20.86 22.33 7.33
N PRO A 137 -20.53 23.23 6.39
CA PRO A 137 -19.18 23.29 5.81
C PRO A 137 -18.04 23.35 6.83
N GLU A 138 -18.29 23.98 7.98
CA GLU A 138 -17.26 24.11 9.01
C GLU A 138 -17.01 22.87 9.84
N HIS A 139 -17.81 21.83 9.66
CA HIS A 139 -17.62 20.60 10.42
C HIS A 139 -16.56 19.71 9.79
N ALA A 140 -16.25 19.95 8.52
CA ALA A 140 -15.26 19.17 7.76
C ALA A 140 -13.90 19.11 8.44
N VAL A 141 -13.31 17.91 8.50
CA VAL A 141 -12.00 17.75 9.13
C VAL A 141 -11.01 18.70 8.46
N LYS A 142 -10.15 19.33 9.27
CA LYS A 142 -9.20 20.28 8.71
C LYS A 142 -7.89 20.31 9.50
N GLY A 143 -6.93 21.04 8.94
CA GLY A 143 -5.64 21.21 9.59
C GLY A 143 -5.00 19.96 10.12
N ASP A 144 -4.77 19.93 11.43
CA ASP A 144 -4.14 18.78 12.07
C ASP A 144 -5.09 17.78 12.70
N GLU A 145 -6.36 17.85 12.30
CA GLU A 145 -7.37 16.92 12.82
C GLU A 145 -7.26 15.62 12.02
N ASN A 146 -7.53 14.50 12.68
CA ASN A 146 -7.44 13.19 12.03
C ASN A 146 -8.40 13.07 10.86
N PHE A 147 -7.89 12.61 9.73
CA PHE A 147 -8.70 12.40 8.52
C PHE A 147 -9.03 10.90 8.46
N TYR A 148 -8.02 10.07 8.65
CA TYR A 148 -8.25 8.62 8.68
C TYR A 148 -7.23 8.02 9.62
N ILE A 149 -7.57 6.84 10.13
CA ILE A 149 -6.70 6.11 11.03
C ILE A 149 -6.62 4.70 10.48
N ILE A 150 -5.45 4.32 9.97
CA ILE A 150 -5.24 2.98 9.43
C ILE A 150 -4.34 2.21 10.39
N TYR A 151 -4.76 1.00 10.73
CA TYR A 151 -3.99 0.17 11.65
C TYR A 151 -2.93 -0.69 10.99
N THR A 152 -1.75 -0.73 11.60
CA THR A 152 -0.64 -1.53 11.09
C THR A 152 -0.24 -2.57 12.14
N SER A 153 0.61 -3.50 11.74
CA SER A 153 1.08 -4.58 12.61
C SER A 153 -0.07 -5.46 13.08
N PRO A 159 -0.40 -3.83 15.89
CA PRO A 159 -1.75 -3.42 16.29
C PRO A 159 -1.78 -1.96 16.76
N LYS A 160 -1.44 -1.04 15.87
CA LYS A 160 -1.40 0.37 16.21
C LYS A 160 -2.09 1.26 15.19
N GLY A 161 -2.89 2.20 15.68
CA GLY A 161 -3.61 3.10 14.80
C GLY A 161 -2.83 4.32 14.39
N VAL A 162 -2.37 4.33 13.14
CA VAL A 162 -1.61 5.46 12.62
C VAL A 162 -2.58 6.58 12.28
N GLN A 163 -2.45 7.70 13.00
CA GLN A 163 -3.32 8.85 12.77
C GLN A 163 -2.76 9.73 11.66
N ILE A 164 -3.50 9.82 10.56
CA ILE A 164 -3.11 10.65 9.43
C ILE A 164 -4.04 11.86 9.40
N THR A 165 -3.47 13.04 9.51
CA THR A 165 -4.26 14.27 9.54
C THR A 165 -4.65 14.79 8.16
N TYR A 166 -5.45 15.85 8.15
CA TYR A 166 -5.86 16.47 6.90
C TYR A 166 -4.60 17.00 6.22
N ASN A 167 -3.78 17.72 6.99
CA ASN A 167 -2.53 18.29 6.46
C ASN A 167 -1.62 17.20 5.89
N CYS A 168 -1.56 16.06 6.57
CA CYS A 168 -0.74 14.95 6.12
C CYS A 168 -1.18 14.49 4.72
N LEU A 169 -2.48 14.22 4.59
CA LEU A 169 -3.06 13.75 3.32
C LEU A 169 -2.93 14.75 2.18
N VAL A 170 -3.12 16.03 2.48
CA VAL A 170 -3.01 17.06 1.44
C VAL A 170 -1.55 17.12 0.97
N SER A 171 -0.64 17.07 1.93
CA SER A 171 0.79 17.10 1.62
C SER A 171 1.12 15.97 0.65
N PHE A 172 0.63 14.76 0.94
CA PHE A 172 0.88 13.61 0.08
C PHE A 172 0.20 13.72 -1.28
N THR A 173 -1.09 14.00 -1.26
CA THR A 173 -1.89 14.10 -2.47
C THR A 173 -1.36 15.09 -3.49
N LYS A 174 -1.01 16.30 -3.05
CA LYS A 174 -0.47 17.32 -3.93
C LYS A 174 0.78 16.79 -4.64
N TRP A 175 1.70 16.23 -3.86
CA TRP A 175 2.94 15.67 -4.38
C TRP A 175 2.64 14.53 -5.37
N ALA A 176 1.71 13.66 -5.02
CA ALA A 176 1.33 12.53 -5.90
C ALA A 176 0.81 13.02 -7.25
N VAL A 177 -0.17 13.92 -7.21
CA VAL A 177 -0.77 14.44 -8.44
C VAL A 177 0.26 15.11 -9.35
N GLU A 178 1.13 15.92 -8.76
CA GLU A 178 2.15 16.65 -9.51
C GLU A 178 3.32 15.78 -9.99
N ASP A 179 4.01 15.12 -9.07
CA ASP A 179 5.15 14.31 -9.48
C ASP A 179 4.86 13.02 -10.25
N PHE A 180 3.65 12.48 -10.14
CA PHE A 180 3.33 11.27 -10.89
C PHE A 180 2.68 11.65 -12.21
N ASN A 181 2.68 12.94 -12.50
CA ASN A 181 2.11 13.46 -13.74
C ASN A 181 0.70 12.93 -14.03
N LEU A 182 -0.21 13.10 -13.09
CA LEU A 182 -1.58 12.65 -13.29
C LEU A 182 -2.35 13.80 -13.92
N GLN A 183 -3.12 13.50 -14.96
CA GLN A 183 -3.90 14.52 -15.66
C GLN A 183 -5.27 14.66 -14.98
N THR A 184 -6.33 14.37 -15.72
CA THR A 184 -7.69 14.43 -15.20
C THR A 184 -8.53 13.41 -15.96
N GLY A 185 -9.63 12.98 -15.35
CA GLY A 185 -10.53 12.02 -15.98
C GLY A 185 -9.95 10.64 -16.28
N GLN A 186 -8.82 10.31 -15.68
CA GLN A 186 -8.19 9.01 -15.92
C GLN A 186 -8.81 7.87 -15.11
N VAL A 187 -8.64 6.65 -15.60
CA VAL A 187 -9.15 5.48 -14.91
C VAL A 187 -8.03 4.95 -14.01
N PHE A 188 -8.30 4.93 -12.70
CA PHE A 188 -7.34 4.47 -11.70
C PHE A 188 -7.69 3.10 -11.16
N LEU A 189 -6.74 2.16 -11.26
CA LEU A 189 -6.95 0.84 -10.71
C LEU A 189 -6.88 0.95 -9.19
N ASN A 190 -7.65 0.12 -8.49
CA ASN A 190 -7.53 0.08 -7.05
C ASN A 190 -7.42 -1.39 -6.73
N GLN A 191 -6.21 -1.80 -6.38
CA GLN A 191 -5.91 -3.17 -6.04
C GLN A 191 -5.91 -3.37 -4.53
N ALA A 192 -5.32 -2.42 -3.81
CA ALA A 192 -5.20 -2.52 -2.36
C ALA A 192 -6.47 -2.31 -1.53
N PRO A 193 -6.72 -3.20 -0.57
CA PRO A 193 -7.90 -3.04 0.27
C PRO A 193 -7.74 -1.69 0.98
N PHE A 194 -8.85 -1.06 1.33
CA PHE A 194 -8.83 0.26 1.96
C PHE A 194 -8.20 0.29 3.33
N SER A 195 -7.97 -0.89 3.86
CA SER A 195 -7.34 -1.07 5.15
C SER A 195 -5.81 -0.98 4.99
N PHE A 196 -5.37 -0.88 3.74
CA PHE A 196 -3.95 -0.78 3.38
C PHE A 196 -3.77 0.61 2.74
N ASP A 197 -2.88 1.44 3.30
CA ASP A 197 -2.74 2.81 2.78
C ASP A 197 -2.24 2.97 1.35
N LEU A 198 -1.91 1.87 0.69
CA LEU A 198 -1.50 1.98 -0.71
C LEU A 198 -2.69 2.50 -1.51
N SER A 199 -3.90 2.10 -1.07
CA SER A 199 -5.13 2.51 -1.75
C SER A 199 -5.29 4.03 -1.79
N VAL A 200 -4.72 4.70 -0.79
CA VAL A 200 -4.80 6.15 -0.72
C VAL A 200 -4.10 6.77 -1.93
N MET A 201 -3.05 6.10 -2.41
CA MET A 201 -2.30 6.59 -3.56
C MET A 201 -3.19 6.72 -4.81
N ASP A 202 -4.23 5.91 -4.89
CA ASP A 202 -5.12 6.01 -6.03
C ASP A 202 -6.46 6.65 -5.70
N ILE A 203 -6.93 6.48 -4.46
CA ILE A 203 -8.22 7.05 -4.07
C ILE A 203 -8.29 8.57 -4.19
N TYR A 204 -7.46 9.27 -3.43
CA TYR A 204 -7.51 10.73 -3.43
C TYR A 204 -6.97 11.38 -4.70
N PRO A 205 -5.87 10.86 -5.27
CA PRO A 205 -5.39 11.51 -6.49
C PRO A 205 -6.48 11.39 -7.57
N SER A 206 -7.19 10.26 -7.59
CA SER A 206 -8.27 10.05 -8.57
C SER A 206 -9.43 11.02 -8.30
N LEU A 207 -9.88 11.05 -7.05
CA LEU A 207 -10.98 11.92 -6.66
C LEU A 207 -10.72 13.39 -6.96
N VAL A 208 -9.52 13.88 -6.62
CA VAL A 208 -9.19 15.29 -6.86
C VAL A 208 -8.97 15.62 -8.33
N THR A 209 -8.72 14.62 -9.17
CA THR A 209 -8.51 14.86 -10.59
C THR A 209 -9.68 14.37 -11.44
N GLY A 210 -10.82 14.12 -10.79
CA GLY A 210 -12.01 13.67 -11.49
C GLY A 210 -11.86 12.34 -12.21
N GLY A 211 -10.97 11.49 -11.71
CA GLY A 211 -10.77 10.21 -12.37
C GLY A 211 -11.81 9.19 -11.96
N THR A 212 -11.66 7.98 -12.49
CA THR A 212 -12.58 6.90 -12.19
C THR A 212 -11.83 5.76 -11.52
N LEU A 213 -12.23 5.43 -10.30
CA LEU A 213 -11.60 4.33 -9.58
C LEU A 213 -12.21 3.01 -10.05
N TRP A 214 -11.35 2.11 -10.54
CA TRP A 214 -11.79 0.80 -11.01
C TRP A 214 -11.27 -0.21 -10.00
N ALA A 215 -12.17 -0.72 -9.18
CA ALA A 215 -11.81 -1.67 -8.15
C ALA A 215 -11.70 -3.13 -8.59
N ILE A 216 -10.77 -3.82 -7.96
CA ILE A 216 -10.53 -5.23 -8.19
C ILE A 216 -10.67 -5.83 -6.80
N ASP A 217 -11.33 -6.98 -6.69
CA ASP A 217 -11.51 -7.56 -5.35
C ASP A 217 -10.80 -8.88 -5.13
N LYS A 218 -10.80 -9.31 -3.86
CA LYS A 218 -10.16 -10.54 -3.42
C LYS A 218 -10.61 -11.77 -4.21
N ASP A 219 -11.87 -11.80 -4.63
CA ASP A 219 -12.40 -12.93 -5.39
C ASP A 219 -11.87 -13.00 -6.81
N MET A 220 -11.66 -11.84 -7.43
CA MET A 220 -11.10 -11.79 -8.78
C MET A 220 -9.68 -12.34 -8.73
N ILE A 221 -8.97 -11.98 -7.67
CA ILE A 221 -7.60 -12.41 -7.46
C ILE A 221 -7.52 -13.91 -7.25
N ALA A 222 -8.52 -14.44 -6.54
CA ALA A 222 -8.58 -15.88 -6.28
C ALA A 222 -8.94 -16.60 -7.58
N ARG A 223 -9.40 -15.84 -8.57
CA ARG A 223 -9.79 -16.41 -9.86
C ARG A 223 -9.32 -15.52 -11.01
N PRO A 224 -8.01 -15.60 -11.35
CA PRO A 224 -7.40 -14.81 -12.42
C PRO A 224 -8.18 -14.64 -13.72
N LYS A 225 -9.00 -15.63 -14.09
CA LYS A 225 -9.78 -15.50 -15.32
C LYS A 225 -10.73 -14.30 -15.20
N ASP A 226 -11.28 -14.09 -14.00
CA ASP A 226 -12.19 -12.98 -13.78
C ASP A 226 -11.40 -11.68 -13.64
N LEU A 227 -10.21 -11.79 -13.07
CA LEU A 227 -9.35 -10.63 -12.87
C LEU A 227 -9.02 -10.00 -14.23
N PHE A 228 -8.45 -10.81 -15.12
CA PHE A 228 -8.09 -10.34 -16.45
C PHE A 228 -9.29 -9.91 -17.28
N ALA A 229 -10.44 -10.54 -17.05
CA ALA A 229 -11.65 -10.17 -17.78
C ALA A 229 -11.98 -8.72 -17.39
N SER A 230 -11.95 -8.46 -16.08
CA SER A 230 -12.22 -7.13 -15.54
C SER A 230 -11.21 -6.12 -16.07
N LEU A 231 -9.94 -6.50 -16.04
CA LEU A 231 -8.85 -5.64 -16.52
C LEU A 231 -9.06 -5.16 -17.96
N GLU A 232 -9.44 -6.07 -18.84
CA GLU A 232 -9.68 -5.71 -20.23
C GLU A 232 -10.84 -4.73 -20.41
N GLN A 233 -11.83 -4.79 -19.52
CA GLN A 233 -12.99 -3.91 -19.59
C GLN A 233 -12.71 -2.55 -18.97
N SER A 234 -11.77 -2.54 -18.02
CA SER A 234 -11.40 -1.34 -17.26
C SER A 234 -10.86 -0.15 -18.02
N ASP A 235 -9.99 -0.40 -18.99
CA ASP A 235 -9.35 0.68 -19.72
C ASP A 235 -8.54 1.51 -18.71
N ILE A 236 -7.98 0.82 -17.73
CA ILE A 236 -7.18 1.46 -16.71
C ILE A 236 -6.02 2.22 -17.34
N GLN A 237 -5.78 3.42 -16.81
CA GLN A 237 -4.72 4.28 -17.31
C GLN A 237 -3.62 4.49 -16.26
N VAL A 238 -4.01 4.45 -14.99
CA VAL A 238 -3.08 4.61 -13.88
C VAL A 238 -3.14 3.34 -13.03
N TRP A 239 -2.02 2.63 -12.96
CA TRP A 239 -1.95 1.39 -12.23
C TRP A 239 -1.23 1.53 -10.89
N THR A 240 -1.98 1.40 -9.80
CA THR A 240 -1.41 1.48 -8.46
C THR A 240 -1.50 0.12 -7.77
N SER A 241 -0.36 -0.48 -7.49
CA SER A 241 -0.37 -1.78 -6.82
C SER A 241 0.98 -2.12 -6.21
N THR A 242 1.03 -3.25 -5.50
CA THR A 242 2.27 -3.70 -4.91
C THR A 242 3.05 -4.36 -6.04
N PRO A 243 4.37 -4.51 -5.88
CA PRO A 243 5.16 -5.16 -6.92
C PRO A 243 4.68 -6.60 -7.12
N SER A 244 4.33 -7.27 -6.03
CA SER A 244 3.87 -8.66 -6.10
C SER A 244 2.63 -8.81 -6.97
N PHE A 245 1.69 -7.88 -6.83
CA PHE A 245 0.48 -7.95 -7.62
C PHE A 245 0.81 -7.86 -9.11
N ALA A 246 1.71 -6.94 -9.46
CA ALA A 246 2.11 -6.77 -10.85
C ALA A 246 2.79 -8.04 -11.35
N GLU A 247 3.64 -8.62 -10.51
CA GLU A 247 4.35 -9.83 -10.89
C GLU A 247 3.36 -10.97 -11.19
N MET A 248 2.32 -11.08 -10.38
CA MET A 248 1.35 -12.14 -10.61
C MET A 248 0.65 -11.92 -11.96
N CYS A 249 0.30 -10.66 -12.26
CA CYS A 249 -0.36 -10.36 -13.51
C CYS A 249 0.58 -10.65 -14.69
N LEU A 250 1.87 -10.45 -14.46
CA LEU A 250 2.88 -10.70 -15.49
C LEU A 250 2.97 -12.18 -15.86
N MET A 251 2.47 -13.05 -14.99
CA MET A 251 2.50 -14.48 -15.26
C MET A 251 1.52 -14.78 -16.39
N GLU A 252 0.71 -13.79 -16.73
CA GLU A 252 -0.27 -13.95 -17.81
C GLU A 252 0.26 -13.31 -19.09
N ALA A 253 0.49 -14.14 -20.09
CA ALA A 253 1.00 -13.68 -21.38
C ALA A 253 0.19 -12.55 -22.01
N SER A 254 -1.12 -12.58 -21.83
CA SER A 254 -1.98 -11.56 -22.43
C SER A 254 -1.95 -10.25 -21.65
N PHE A 255 -1.41 -10.27 -20.44
CA PHE A 255 -1.33 -9.05 -19.64
C PHE A 255 -0.30 -8.16 -20.31
N SER A 256 -0.78 -7.27 -21.17
CA SER A 256 0.10 -6.38 -21.88
C SER A 256 -0.65 -5.18 -22.41
N GLU A 257 0.06 -4.38 -23.20
CA GLU A 257 -0.48 -3.20 -23.84
C GLU A 257 -1.76 -3.55 -24.60
N SER A 258 -1.86 -4.79 -25.06
CA SER A 258 -3.04 -5.24 -25.79
C SER A 258 -4.28 -5.31 -24.89
N MET A 259 -4.07 -5.74 -23.66
CA MET A 259 -5.16 -5.85 -22.68
C MET A 259 -5.54 -4.49 -22.11
N LEU A 260 -4.55 -3.61 -21.97
CA LEU A 260 -4.76 -2.28 -21.43
C LEU A 260 -4.00 -1.27 -22.30
N PRO A 261 -4.46 -1.08 -23.55
CA PRO A 261 -3.82 -0.16 -24.49
C PRO A 261 -3.68 1.28 -24.02
N ASN A 262 -4.50 1.69 -23.07
CA ASN A 262 -4.43 3.06 -22.58
C ASN A 262 -3.61 3.24 -21.30
N MET A 263 -2.93 2.17 -20.90
CA MET A 263 -2.09 2.22 -19.71
C MET A 263 -1.07 3.33 -19.92
N LYS A 264 -0.93 4.20 -18.92
CA LYS A 264 -0.01 5.32 -19.03
C LYS A 264 0.99 5.41 -17.87
N THR A 265 0.52 5.08 -16.67
CA THR A 265 1.35 5.19 -15.49
C THR A 265 1.24 4.05 -14.50
N PHE A 266 2.39 3.47 -14.15
CA PHE A 266 2.48 2.40 -13.17
C PHE A 266 3.06 3.04 -11.91
N LEU A 267 2.37 2.86 -10.79
CA LEU A 267 2.81 3.42 -9.52
C LEU A 267 2.99 2.25 -8.54
N PHE A 268 4.21 2.06 -8.07
CA PHE A 268 4.51 0.96 -7.15
C PHE A 268 5.00 1.43 -5.78
N CYS A 269 4.58 0.70 -4.75
CA CYS A 269 4.97 0.99 -3.37
C CYS A 269 4.67 -0.23 -2.51
N GLY A 270 5.24 -0.28 -1.30
CA GLY A 270 4.98 -1.39 -0.41
C GLY A 270 6.03 -2.47 -0.29
N GLU A 271 6.68 -2.82 -1.40
CA GLU A 271 7.73 -3.84 -1.40
C GLU A 271 8.84 -3.47 -2.40
N VAL A 272 9.85 -4.33 -2.48
CA VAL A 272 10.95 -4.12 -3.41
C VAL A 272 10.44 -4.31 -4.83
N LEU A 273 10.73 -3.36 -5.70
CA LEU A 273 10.33 -3.45 -7.10
C LEU A 273 11.56 -4.00 -7.79
N PRO A 274 11.50 -5.26 -8.26
CA PRO A 274 12.65 -5.87 -8.94
C PRO A 274 12.96 -5.21 -10.27
N ASN A 275 14.25 -5.07 -10.55
CA ASN A 275 14.71 -4.48 -11.81
C ASN A 275 14.10 -5.26 -12.96
N GLU A 276 14.04 -6.58 -12.82
CA GLU A 276 13.49 -7.43 -13.88
C GLU A 276 12.00 -7.24 -14.10
N VAL A 277 11.26 -6.97 -13.02
CA VAL A 277 9.83 -6.75 -13.14
C VAL A 277 9.58 -5.47 -13.94
N ALA A 278 10.26 -4.39 -13.56
CA ALA A 278 10.10 -3.13 -14.26
C ALA A 278 10.45 -3.30 -15.74
N ARG A 279 11.51 -4.07 -16.00
CA ARG A 279 11.94 -4.31 -17.37
C ARG A 279 10.85 -5.02 -18.18
N LYS A 280 10.22 -6.02 -17.58
CA LYS A 280 9.15 -6.76 -18.25
C LYS A 280 7.96 -5.85 -18.54
N LEU A 281 7.67 -4.93 -17.62
CA LEU A 281 6.56 -4.00 -17.81
C LEU A 281 6.84 -3.04 -18.96
N ILE A 282 8.07 -2.57 -19.07
CA ILE A 282 8.43 -1.67 -20.15
C ILE A 282 8.25 -2.40 -21.49
N GLU A 283 8.67 -3.66 -21.53
CA GLU A 283 8.54 -4.44 -22.76
C GLU A 283 7.08 -4.68 -23.14
N ARG A 284 6.24 -4.96 -22.14
CA ARG A 284 4.81 -5.23 -22.33
C ARG A 284 3.99 -3.96 -22.57
N PHE A 285 4.42 -2.85 -21.99
CA PHE A 285 3.73 -1.57 -22.10
C PHE A 285 4.75 -0.48 -22.44
N PRO A 286 5.24 -0.46 -23.69
CA PRO A 286 6.24 0.53 -24.14
C PRO A 286 5.85 2.00 -23.99
N LYS A 287 4.56 2.28 -23.84
CA LYS A 287 4.11 3.66 -23.70
C LYS A 287 3.87 4.08 -22.26
N ALA A 288 4.07 3.18 -21.31
CA ALA A 288 3.82 3.48 -19.91
C ALA A 288 5.03 3.97 -19.12
N THR A 289 4.75 4.85 -18.17
CA THR A 289 5.76 5.41 -17.27
C THR A 289 5.73 4.58 -16.00
N ILE A 290 6.89 4.16 -15.53
CA ILE A 290 6.96 3.38 -14.30
C ILE A 290 7.58 4.20 -13.18
N MET A 291 6.89 4.24 -12.05
CA MET A 291 7.34 4.98 -10.88
C MET A 291 7.54 4.04 -9.69
N ASN A 292 8.68 4.16 -9.00
CA ASN A 292 8.88 3.36 -7.81
C ASN A 292 8.78 4.40 -6.68
N THR A 293 8.11 4.03 -5.59
CA THR A 293 7.95 4.93 -4.46
C THR A 293 8.18 4.17 -3.17
N TYR A 294 8.46 4.89 -2.09
CA TYR A 294 8.73 4.25 -0.81
C TYR A 294 8.20 5.02 0.38
N GLY A 295 7.70 4.30 1.38
CA GLY A 295 7.22 4.93 2.59
C GLY A 295 6.39 4.04 3.51
N PRO A 296 6.38 4.35 4.82
CA PRO A 296 5.63 3.60 5.82
C PRO A 296 4.27 4.25 5.94
N THR A 297 3.30 3.52 6.49
CA THR A 297 1.97 4.08 6.68
C THR A 297 2.13 5.31 7.59
N GLU A 298 3.08 5.21 8.52
CA GLU A 298 3.39 6.27 9.48
C GLU A 298 3.83 7.60 8.86
N ALA A 299 4.17 7.59 7.58
CA ALA A 299 4.54 8.82 6.90
C ALA A 299 3.62 9.09 5.70
N THR A 300 2.34 8.77 5.87
CA THR A 300 1.32 8.98 4.84
C THR A 300 1.63 8.43 3.44
N VAL A 301 1.52 7.10 3.32
CA VAL A 301 1.68 6.40 2.06
C VAL A 301 3.10 6.29 1.51
N ALA A 302 3.65 7.39 1.02
CA ALA A 302 5.00 7.38 0.48
C ALA A 302 5.60 8.79 0.54
N VAL A 303 6.94 8.85 0.63
CA VAL A 303 7.64 10.14 0.68
C VAL A 303 8.70 10.26 -0.42
N THR A 304 9.10 9.14 -1.03
CA THR A 304 10.07 9.20 -2.11
C THR A 304 9.47 8.63 -3.38
N GLY A 305 10.04 9.04 -4.51
CA GLY A 305 9.57 8.54 -5.79
C GLY A 305 10.60 8.77 -6.86
N ILE A 306 10.66 7.85 -7.82
CA ILE A 306 11.58 7.97 -8.94
C ILE A 306 11.01 7.34 -10.20
N HIS A 307 11.24 8.01 -11.32
CA HIS A 307 10.80 7.54 -12.63
C HIS A 307 11.83 6.48 -13.02
N VAL A 308 11.38 5.23 -13.14
CA VAL A 308 12.27 4.14 -13.49
C VAL A 308 12.44 4.05 -14.99
N THR A 309 13.46 4.72 -15.52
CA THR A 309 13.75 4.74 -16.96
C THR A 309 14.73 3.65 -17.36
N GLU A 310 15.03 3.58 -18.65
CA GLU A 310 15.99 2.60 -19.15
C GLU A 310 17.33 2.90 -18.49
N GLU A 311 17.67 4.19 -18.40
CA GLU A 311 18.92 4.62 -17.79
C GLU A 311 19.00 4.19 -16.32
N VAL A 312 17.91 4.34 -15.58
CA VAL A 312 17.90 3.94 -14.18
C VAL A 312 18.12 2.43 -14.10
N LEU A 313 17.44 1.70 -14.98
CA LEU A 313 17.53 0.24 -15.02
C LEU A 313 18.96 -0.22 -15.38
N ASP A 314 19.62 0.54 -16.23
CA ASP A 314 20.99 0.21 -16.64
C ASP A 314 22.01 0.45 -15.52
N GLN A 315 21.91 1.55 -14.80
CA GLN A 315 22.91 1.78 -13.75
C GLN A 315 22.57 1.30 -12.35
N TYR A 316 21.31 0.94 -12.12
CA TYR A 316 20.92 0.48 -10.79
C TYR A 316 20.39 -0.95 -10.79
N LYS A 317 21.28 -1.92 -10.56
CA LYS A 317 20.92 -3.33 -10.50
C LYS A 317 19.80 -3.43 -9.47
N SER A 318 20.00 -2.76 -8.35
CA SER A 318 19.00 -2.71 -7.28
C SER A 318 18.40 -1.31 -7.43
N LEU A 319 17.12 -1.26 -7.79
CA LEU A 319 16.45 0.02 -8.00
C LEU A 319 16.38 0.91 -6.76
N PRO A 320 16.68 2.20 -6.92
CA PRO A 320 16.60 3.12 -5.77
C PRO A 320 15.11 3.33 -5.51
N VAL A 321 14.73 3.79 -4.33
CA VAL A 321 13.32 4.01 -4.07
C VAL A 321 12.90 5.45 -4.33
N GLY A 322 13.86 6.31 -4.66
CA GLY A 322 13.52 7.68 -5.00
C GLY A 322 14.03 8.89 -4.23
N TYR A 323 13.64 10.05 -4.73
CA TYR A 323 13.99 11.34 -4.16
C TYR A 323 12.85 11.70 -3.20
N CYS A 324 13.20 12.25 -2.04
CA CYS A 324 12.22 12.64 -1.04
C CYS A 324 11.38 13.85 -1.50
N LYS A 325 10.09 13.84 -1.20
CA LYS A 325 9.24 14.97 -1.58
C LYS A 325 9.87 16.21 -0.95
N SER A 326 9.80 17.33 -1.68
CA SER A 326 10.40 18.59 -1.25
C SER A 326 10.05 19.16 0.12
N ASP A 327 8.85 18.92 0.62
CA ASP A 327 8.48 19.46 1.92
C ASP A 327 8.89 18.60 3.10
N CYS A 328 9.60 17.51 2.81
CA CYS A 328 10.11 16.61 3.85
C CYS A 328 11.59 16.38 3.60
N ARG A 329 12.24 15.66 4.52
CA ARG A 329 13.64 15.35 4.36
C ARG A 329 13.94 14.00 5.00
N LEU A 330 15.07 13.42 4.62
CA LEU A 330 15.47 12.11 5.12
C LEU A 330 16.74 12.16 5.96
N LEU A 331 16.82 11.24 6.91
CA LEU A 331 17.96 11.13 7.80
C LEU A 331 18.33 9.65 7.85
N ILE A 332 19.61 9.33 7.68
CA ILE A 332 20.09 7.96 7.75
C ILE A 332 20.83 7.85 9.07
N MET A 333 20.21 7.22 10.07
CA MET A 333 20.83 7.09 11.39
C MET A 333 21.72 5.88 11.59
N LYS A 334 23.00 6.13 11.82
CA LYS A 334 23.98 5.09 12.08
C LYS A 334 23.51 4.39 13.35
N GLU A 335 23.99 3.18 13.61
CA GLU A 335 23.59 2.48 14.83
C GLU A 335 24.09 3.25 16.03
N ASP A 336 23.41 4.34 16.32
CA ASP A 336 23.73 5.26 17.41
C ASP A 336 22.95 6.53 17.04
N GLY A 337 22.71 7.39 18.01
CA GLY A 337 21.97 8.62 17.73
C GLY A 337 22.63 9.48 16.67
N THR A 338 23.78 9.02 16.15
CA THR A 338 24.53 9.76 15.15
C THR A 338 24.05 9.57 13.72
N ILE A 339 24.20 10.62 12.91
CA ILE A 339 23.80 10.60 11.52
C ILE A 339 24.92 9.95 10.70
N ALA A 340 24.56 9.31 9.60
CA ALA A 340 25.54 8.62 8.76
C ALA A 340 25.92 9.40 7.51
N PRO A 341 27.20 9.33 7.11
CA PRO A 341 27.68 10.03 5.92
C PRO A 341 27.00 9.43 4.70
N ASP A 342 26.73 10.27 3.71
CA ASP A 342 26.07 9.80 2.48
C ASP A 342 26.78 8.61 1.88
N GLY A 343 25.99 7.58 1.53
CA GLY A 343 26.55 6.39 0.95
C GLY A 343 26.68 5.28 1.97
N GLU A 344 26.57 5.64 3.25
CA GLU A 344 26.65 4.69 4.34
C GLU A 344 25.27 4.27 4.84
N LYS A 345 25.10 2.97 5.06
CA LYS A 345 23.85 2.41 5.51
C LYS A 345 23.52 2.76 6.96
N GLY A 346 22.22 2.88 7.23
CA GLY A 346 21.76 3.20 8.56
C GLY A 346 20.25 3.04 8.55
N GLU A 347 19.59 3.45 9.62
CA GLU A 347 18.13 3.36 9.67
C GLU A 347 17.53 4.62 9.06
N ILE A 348 16.58 4.43 8.16
CA ILE A 348 15.92 5.54 7.51
C ILE A 348 14.96 6.26 8.46
N VAL A 349 15.16 7.56 8.61
CA VAL A 349 14.31 8.38 9.45
C VAL A 349 13.69 9.42 8.52
N ILE A 350 12.39 9.63 8.67
CA ILE A 350 11.64 10.58 7.85
C ILE A 350 11.18 11.73 8.73
N VAL A 351 11.32 12.95 8.22
CA VAL A 351 10.88 14.13 8.97
C VAL A 351 10.14 15.10 8.07
N GLY A 352 9.04 15.66 8.57
CA GLY A 352 8.27 16.61 7.79
C GLY A 352 6.77 16.43 7.96
N PRO A 353 5.96 17.26 7.27
CA PRO A 353 4.49 17.22 7.33
C PRO A 353 3.81 15.90 6.94
N SER A 354 4.56 14.97 6.36
CA SER A 354 4.00 13.68 5.98
C SER A 354 3.92 12.75 7.17
N VAL A 355 4.73 13.02 8.19
CA VAL A 355 4.78 12.16 9.38
C VAL A 355 3.54 12.24 10.26
N SER A 356 3.03 11.06 10.58
CA SER A 356 1.84 10.90 11.42
C SER A 356 2.03 11.57 12.78
N VAL A 357 0.94 11.96 13.41
CA VAL A 357 1.02 12.59 14.73
C VAL A 357 1.20 11.51 15.78
N GLY A 358 1.20 10.26 15.36
CA GLY A 358 1.40 9.17 16.30
C GLY A 358 0.34 8.10 16.32
N TYR A 359 0.57 7.07 17.14
CA TYR A 359 -0.34 5.94 17.28
C TYR A 359 -1.47 6.29 18.26
N LEU A 360 -2.70 6.06 17.82
CA LEU A 360 -3.87 6.35 18.63
C LEU A 360 -3.88 5.61 19.98
N GLY A 361 -3.89 6.39 21.06
CA GLY A 361 -3.92 5.80 22.39
C GLY A 361 -2.77 4.89 22.77
N SER A 362 -1.64 5.00 22.07
CA SER A 362 -0.47 4.19 22.37
C SER A 362 0.70 5.11 22.70
N PRO A 363 0.71 5.66 23.92
CA PRO A 363 1.76 6.57 24.41
C PRO A 363 3.17 5.99 24.29
N GLU A 364 3.36 4.81 24.86
CA GLU A 364 4.64 4.15 24.86
C GLU A 364 5.11 3.78 23.45
N LEU A 365 4.18 3.35 22.60
CA LEU A 365 4.52 2.98 21.23
C LEU A 365 4.92 4.20 20.40
N THR A 366 4.25 5.32 20.64
CA THR A 366 4.55 6.54 19.91
C THR A 366 5.92 7.08 20.30
N GLU A 367 6.24 7.01 21.59
CA GLU A 367 7.51 7.49 22.11
C GLU A 367 8.69 6.76 21.47
N LYS A 368 8.55 5.46 21.28
CA LYS A 368 9.62 4.65 20.71
C LYS A 368 9.92 4.83 19.23
N ALA A 369 8.91 5.20 18.43
CA ALA A 369 9.12 5.36 17.00
C ALA A 369 9.06 6.79 16.46
N PHE A 370 8.41 7.69 17.19
CA PHE A 370 8.31 9.09 16.76
C PHE A 370 9.09 10.03 17.68
N THR A 371 9.68 11.07 17.08
CA THR A 371 10.41 12.08 17.84
C THR A 371 10.16 13.44 17.20
N MET A 372 10.69 14.47 17.82
CA MET A 372 10.57 15.83 17.31
C MET A 372 11.95 16.34 16.99
N ILE A 373 12.14 16.79 15.76
CA ILE A 373 13.43 17.31 15.34
C ILE A 373 13.23 18.73 14.84
N ASP A 374 13.88 19.67 15.53
CA ASP A 374 13.79 21.08 15.17
C ASP A 374 12.35 21.53 14.96
N GLY A 375 11.48 21.11 15.87
CA GLY A 375 10.09 21.50 15.77
C GLY A 375 9.18 20.66 14.89
N GLU A 376 9.73 19.70 14.17
CA GLU A 376 8.86 18.88 13.35
C GLU A 376 8.94 17.39 13.64
N ARG A 377 7.88 16.69 13.27
CA ARG A 377 7.76 15.27 13.51
C ARG A 377 8.72 14.43 12.66
N ALA A 378 9.28 13.41 13.29
CA ALA A 378 10.19 12.48 12.63
C ALA A 378 9.77 11.07 13.00
N TYR A 379 9.98 10.14 12.08
CA TYR A 379 9.59 8.75 12.33
C TYR A 379 10.70 7.77 11.99
N LYS A 380 11.08 6.93 12.95
CA LYS A 380 12.12 5.92 12.72
C LYS A 380 11.39 4.76 12.02
N THR A 381 11.81 4.43 10.81
CA THR A 381 11.16 3.39 10.02
C THR A 381 11.44 1.94 10.36
N GLY A 382 12.61 1.65 10.90
CA GLY A 382 12.95 0.27 11.18
C GLY A 382 13.54 -0.31 9.91
N ASP A 383 13.70 0.55 8.91
CA ASP A 383 14.25 0.15 7.61
C ASP A 383 15.72 0.53 7.53
N ALA A 384 16.48 -0.27 6.79
CA ALA A 384 17.90 -0.01 6.60
C ALA A 384 18.07 0.48 5.17
N GLY A 385 18.95 1.45 4.99
CA GLY A 385 19.20 1.99 3.67
C GLY A 385 20.22 3.10 3.73
N TYR A 386 20.42 3.79 2.61
CA TYR A 386 21.37 4.89 2.55
C TYR A 386 20.97 5.87 1.46
N VAL A 387 21.58 7.05 1.49
CA VAL A 387 21.29 8.07 0.50
C VAL A 387 22.56 8.41 -0.27
N GLU A 388 22.39 8.75 -1.54
CA GLU A 388 23.49 9.14 -2.41
C GLU A 388 23.02 10.29 -3.28
N ASN A 389 23.38 11.51 -2.86
CA ASN A 389 23.01 12.72 -3.58
C ASN A 389 21.51 12.83 -3.76
N GLY A 390 20.79 12.82 -2.63
CA GLY A 390 19.35 12.93 -2.67
C GLY A 390 18.58 11.66 -2.98
N LEU A 391 19.24 10.67 -3.58
CA LEU A 391 18.57 9.42 -3.93
C LEU A 391 18.56 8.42 -2.78
N LEU A 392 17.38 7.95 -2.39
CA LEU A 392 17.27 7.00 -1.30
C LEU A 392 17.31 5.57 -1.83
N PHE A 393 18.07 4.72 -1.14
CA PHE A 393 18.17 3.32 -1.50
C PHE A 393 17.71 2.53 -0.30
N TYR A 394 16.96 1.47 -0.58
CA TYR A 394 16.41 0.59 0.45
C TYR A 394 17.23 -0.68 0.49
N ASN A 395 17.67 -1.07 1.68
CA ASN A 395 18.46 -2.31 1.81
C ASN A 395 17.61 -3.43 2.39
N GLY A 396 16.73 -3.10 3.33
CA GLY A 396 15.88 -4.11 3.93
C GLY A 396 15.40 -3.73 5.32
N ARG A 397 14.54 -4.57 5.89
CA ARG A 397 14.01 -4.34 7.24
C ARG A 397 15.11 -4.70 8.24
N LEU A 398 15.37 -3.81 9.19
CA LEU A 398 16.40 -4.07 10.19
C LEU A 398 16.25 -5.42 10.90
N ASP A 399 15.03 -5.82 11.23
CA ASP A 399 14.85 -7.10 11.92
C ASP A 399 14.85 -8.31 10.99
N PHE A 400 15.04 -8.08 9.70
CA PHE A 400 15.11 -9.18 8.73
C PHE A 400 16.60 -9.39 8.50
N GLN A 401 17.39 -8.63 9.25
CA GLN A 401 18.84 -8.71 9.18
C GLN A 401 19.26 -10.04 9.77
N ILE A 402 19.65 -10.98 8.92
CA ILE A 402 20.06 -12.29 9.37
C ILE A 402 21.57 -12.40 9.57
N LYS A 403 21.96 -13.12 10.62
CA LYS A 403 23.37 -13.34 10.89
C LYS A 403 23.64 -14.82 10.80
N LEU A 404 24.41 -15.22 9.80
CA LEU A 404 24.74 -16.62 9.61
C LEU A 404 26.17 -16.90 9.99
N HIS A 405 26.33 -17.70 11.04
CA HIS A 405 27.62 -18.11 11.55
C HIS A 405 28.66 -16.98 11.40
N GLY A 406 28.57 -16.00 12.29
CA GLY A 406 29.49 -14.88 12.27
C GLY A 406 29.46 -14.06 11.01
N TYR A 407 28.26 -13.80 10.50
CA TYR A 407 28.08 -13.03 9.27
C TYR A 407 26.67 -12.43 9.19
N ARG A 408 26.60 -11.10 9.03
CA ARG A 408 25.32 -10.41 8.93
C ARG A 408 24.95 -10.24 7.45
N MET A 409 23.67 -9.99 7.18
CA MET A 409 23.20 -9.84 5.81
C MET A 409 21.70 -9.57 5.71
N GLU A 410 21.31 -8.53 4.97
CA GLU A 410 19.89 -8.22 4.78
C GLU A 410 19.26 -9.35 3.98
N LEU A 411 18.13 -9.85 4.45
CA LEU A 411 17.43 -10.94 3.76
C LEU A 411 17.10 -10.49 2.32
N GLU A 412 16.71 -9.23 2.19
CA GLU A 412 16.35 -8.65 0.89
C GLU A 412 17.48 -8.63 -0.13
N GLU A 413 18.72 -8.48 0.32
CA GLU A 413 19.84 -8.47 -0.63
C GLU A 413 20.02 -9.85 -1.28
N ILE A 414 19.85 -10.90 -0.48
CA ILE A 414 19.98 -12.25 -0.99
C ILE A 414 18.83 -12.49 -1.97
N GLU A 415 17.64 -12.03 -1.61
CA GLU A 415 16.49 -12.19 -2.49
C GLU A 415 16.74 -11.47 -3.80
N HIS A 416 17.34 -10.28 -3.73
CA HIS A 416 17.65 -9.51 -4.94
C HIS A 416 18.54 -10.30 -5.91
N HIS A 417 19.59 -10.94 -5.39
CA HIS A 417 20.47 -11.70 -6.26
C HIS A 417 19.82 -12.98 -6.76
N LEU A 418 18.98 -13.60 -5.94
CA LEU A 418 18.30 -14.83 -6.33
C LEU A 418 17.41 -14.48 -7.52
N ARG A 419 16.66 -13.39 -7.38
CA ARG A 419 15.76 -12.93 -8.43
C ARG A 419 16.46 -12.64 -9.76
N ALA A 420 17.72 -12.20 -9.66
CA ALA A 420 18.49 -11.85 -10.85
C ALA A 420 19.07 -13.06 -11.60
N CYS A 421 19.05 -14.24 -10.98
CA CYS A 421 19.60 -15.42 -11.63
C CYS A 421 18.71 -15.92 -12.77
N SER A 422 19.32 -16.54 -13.76
CA SER A 422 18.58 -17.10 -14.89
C SER A 422 17.67 -18.21 -14.37
N TYR A 423 16.53 -18.42 -15.03
CA TYR A 423 15.58 -19.47 -14.66
C TYR A 423 14.74 -19.12 -13.42
N VAL A 424 14.92 -17.92 -12.87
CA VAL A 424 14.17 -17.49 -11.70
C VAL A 424 13.22 -16.38 -12.12
N GLU A 425 11.92 -16.57 -11.90
CA GLU A 425 10.93 -15.57 -12.27
C GLU A 425 10.36 -14.89 -11.04
N GLY A 426 10.60 -15.50 -9.88
CA GLY A 426 10.13 -14.97 -8.63
C GLY A 426 10.84 -15.73 -7.54
N ALA A 427 11.05 -15.11 -6.38
CA ALA A 427 11.74 -15.80 -5.31
C ALA A 427 11.61 -15.11 -3.97
N VAL A 428 11.72 -15.89 -2.90
CA VAL A 428 11.65 -15.39 -1.54
C VAL A 428 12.52 -16.28 -0.68
N ILE A 429 13.27 -15.67 0.24
CA ILE A 429 14.11 -16.46 1.12
C ILE A 429 13.39 -16.61 2.44
N VAL A 430 13.27 -17.85 2.89
CA VAL A 430 12.62 -18.13 4.16
C VAL A 430 13.75 -18.57 5.09
N PRO A 431 14.05 -17.75 6.11
CA PRO A 431 15.13 -18.14 7.02
C PRO A 431 14.63 -19.20 7.99
N ILE A 432 15.41 -20.26 8.15
CA ILE A 432 15.06 -21.35 9.05
C ILE A 432 15.95 -21.24 10.29
N LYS A 433 15.36 -20.93 11.43
CA LYS A 433 16.11 -20.78 12.68
C LYS A 433 16.17 -22.05 13.51
N LYS A 434 17.32 -22.29 14.12
CA LYS A 434 17.53 -23.47 14.95
C LYS A 434 16.63 -23.34 16.18
N GLY A 435 16.38 -22.10 16.55
CA GLY A 435 15.54 -21.81 17.70
C GLY A 435 15.90 -20.44 18.23
N GLU A 436 17.20 -20.13 18.20
CA GLU A 436 17.68 -18.85 18.67
C GLU A 436 18.46 -18.15 17.56
N LYS A 437 19.37 -18.89 16.93
CA LYS A 437 20.15 -18.33 15.84
C LYS A 437 19.62 -18.86 14.51
N TYR A 438 20.11 -18.30 13.41
CA TYR A 438 19.66 -18.73 12.09
C TYR A 438 20.36 -20.02 11.70
N ASP A 439 19.58 -21.03 11.41
CA ASP A 439 20.12 -22.32 11.00
C ASP A 439 20.57 -22.23 9.54
N TYR A 440 19.62 -22.13 8.64
CA TYR A 440 19.95 -22.03 7.22
C TYR A 440 18.84 -21.29 6.49
N LEU A 441 19.12 -20.95 5.23
CA LEU A 441 18.16 -20.24 4.41
C LEU A 441 17.48 -21.18 3.43
N LEU A 442 16.19 -20.95 3.19
CA LEU A 442 15.44 -21.75 2.25
C LEU A 442 14.89 -20.84 1.15
N ALA A 443 15.24 -21.16 -0.09
CA ALA A 443 14.80 -20.37 -1.23
C ALA A 443 13.53 -20.95 -1.86
N VAL A 444 12.51 -20.11 -2.01
CA VAL A 444 11.27 -20.52 -2.65
C VAL A 444 11.26 -19.80 -3.99
N VAL A 445 11.39 -20.54 -5.08
CA VAL A 445 11.41 -19.87 -6.36
C VAL A 445 10.36 -20.37 -7.34
N VAL A 446 9.94 -19.46 -8.21
CA VAL A 446 8.99 -19.77 -9.25
C VAL A 446 9.92 -19.91 -10.43
N PRO A 447 10.04 -21.11 -10.99
CA PRO A 447 10.94 -21.32 -12.12
C PRO A 447 10.50 -20.69 -13.44
N GLY A 448 11.47 -20.17 -14.17
CA GLY A 448 11.18 -19.60 -15.46
C GLY A 448 11.24 -20.76 -16.43
N GLU A 449 11.31 -20.44 -17.72
CA GLU A 449 11.39 -21.48 -18.73
C GLU A 449 12.77 -22.09 -18.66
N HIS A 450 12.82 -23.42 -18.69
CA HIS A 450 14.09 -24.13 -18.64
C HIS A 450 13.93 -25.52 -19.22
N SER A 451 15.03 -26.24 -19.35
CA SER A 451 15.00 -27.58 -19.91
C SER A 451 15.66 -28.58 -18.98
N PHE A 452 15.74 -28.24 -17.69
CA PHE A 452 16.35 -29.14 -16.73
C PHE A 452 15.40 -30.32 -16.50
N GLU A 453 15.91 -31.52 -16.72
CA GLU A 453 15.12 -32.74 -16.56
C GLU A 453 14.98 -33.19 -15.11
N LYS A 454 15.83 -32.66 -14.24
CA LYS A 454 15.79 -33.02 -12.84
C LYS A 454 15.94 -31.77 -11.97
N GLU A 455 15.17 -31.71 -10.90
CA GLU A 455 15.19 -30.57 -10.00
C GLU A 455 16.57 -30.15 -9.48
N PHE A 456 17.40 -31.10 -9.09
CA PHE A 456 18.72 -30.75 -8.57
C PHE A 456 19.57 -30.03 -9.60
N LYS A 457 19.30 -30.24 -10.88
CA LYS A 457 20.07 -29.60 -11.93
C LYS A 457 19.74 -28.11 -11.99
N LEU A 458 18.47 -27.78 -11.78
CA LEU A 458 18.07 -26.38 -11.78
C LEU A 458 18.67 -25.74 -10.52
N THR A 459 18.58 -26.45 -9.40
CA THR A 459 19.12 -25.93 -8.14
C THR A 459 20.63 -25.66 -8.25
N SER A 460 21.36 -26.62 -8.80
CA SER A 460 22.81 -26.47 -8.97
C SER A 460 23.14 -25.27 -9.85
N ALA A 461 22.37 -25.13 -10.92
CA ALA A 461 22.58 -24.02 -11.85
C ALA A 461 22.38 -22.67 -11.16
N ILE A 462 21.32 -22.54 -10.38
CA ILE A 462 21.05 -21.28 -9.67
C ILE A 462 22.11 -21.06 -8.60
N LYS A 463 22.52 -22.14 -7.93
CA LYS A 463 23.56 -22.05 -6.89
C LYS A 463 24.90 -21.60 -7.47
N LYS A 464 25.23 -22.11 -8.66
CA LYS A 464 26.46 -21.74 -9.32
C LYS A 464 26.45 -20.24 -9.64
N GLU A 465 25.34 -19.75 -10.19
CA GLU A 465 25.23 -18.34 -10.53
C GLU A 465 25.24 -17.48 -9.28
N LEU A 466 24.57 -17.95 -8.24
CA LEU A 466 24.50 -17.20 -6.99
C LEU A 466 25.89 -17.15 -6.33
N ASN A 467 26.73 -18.14 -6.63
CA ASN A 467 28.07 -18.18 -6.05
C ASN A 467 28.92 -17.03 -6.59
N GLU A 468 28.56 -16.55 -7.77
CA GLU A 468 29.29 -15.45 -8.38
C GLU A 468 28.79 -14.11 -7.84
N ARG A 469 27.68 -14.16 -7.10
CA ARG A 469 27.07 -12.94 -6.55
C ARG A 469 27.19 -12.78 -5.04
N LEU A 470 27.25 -13.90 -4.33
CA LEU A 470 27.30 -13.87 -2.88
C LEU A 470 28.32 -14.83 -2.29
N PRO A 471 28.67 -14.65 -1.02
CA PRO A 471 29.62 -15.54 -0.35
C PRO A 471 28.88 -16.87 -0.23
N ASN A 472 29.61 -17.96 -0.09
CA ASN A 472 28.99 -19.28 0.01
C ASN A 472 28.00 -19.38 1.16
N TYR A 473 28.32 -18.76 2.30
CA TYR A 473 27.47 -18.82 3.47
C TYR A 473 26.13 -18.06 3.35
N MET A 474 25.95 -17.28 2.29
CA MET A 474 24.70 -16.55 2.10
C MET A 474 23.81 -17.28 1.10
N ILE A 475 24.41 -18.23 0.40
CA ILE A 475 23.69 -19.02 -0.59
C ILE A 475 22.78 -20.01 0.13
N PRO A 476 21.46 -19.94 -0.11
CA PRO A 476 20.53 -20.87 0.53
C PRO A 476 20.88 -22.33 0.33
N ARG A 477 20.80 -23.09 1.41
CA ARG A 477 21.12 -24.51 1.38
C ARG A 477 20.03 -25.30 0.65
N LYS A 478 18.78 -24.96 0.94
CA LYS A 478 17.65 -25.67 0.35
C LYS A 478 16.82 -24.81 -0.62
N PHE A 479 16.34 -25.46 -1.67
CA PHE A 479 15.50 -24.79 -2.66
C PHE A 479 14.17 -25.53 -2.78
N MET A 480 13.11 -24.76 -2.98
CA MET A 480 11.76 -25.30 -3.15
C MET A 480 11.16 -24.57 -4.33
N TYR A 481 10.40 -25.29 -5.15
CA TYR A 481 9.81 -24.66 -6.32
C TYR A 481 8.31 -24.77 -6.33
N GLN A 482 7.67 -23.69 -6.79
CA GLN A 482 6.22 -23.64 -6.91
C GLN A 482 5.84 -22.69 -8.01
N SER A 483 4.60 -22.82 -8.48
CA SER A 483 4.04 -22.03 -9.56
C SER A 483 3.78 -20.56 -9.24
N SER A 484 3.70 -20.23 -7.95
CA SER A 484 3.43 -18.86 -7.57
C SER A 484 3.74 -18.62 -6.10
N ILE A 485 4.00 -17.36 -5.78
CA ILE A 485 4.30 -16.94 -4.42
C ILE A 485 3.01 -16.39 -3.84
N PRO A 486 2.63 -16.82 -2.63
CA PRO A 486 1.39 -16.31 -2.04
C PRO A 486 1.47 -14.85 -1.65
N MET A 487 0.33 -14.16 -1.76
CA MET A 487 0.22 -12.75 -1.41
C MET A 487 -0.76 -12.64 -0.25
N THR A 488 -0.55 -11.64 0.61
CA THR A 488 -1.45 -11.40 1.73
C THR A 488 -2.65 -10.68 1.10
N PRO A 489 -3.73 -10.48 1.88
CA PRO A 489 -4.85 -9.77 1.26
C PRO A 489 -4.48 -8.36 0.79
N ASN A 490 -3.41 -7.78 1.36
CA ASN A 490 -2.97 -6.46 0.93
C ASN A 490 -2.23 -6.50 -0.40
N GLY A 491 -1.75 -7.67 -0.79
CA GLY A 491 -1.04 -7.81 -2.04
C GLY A 491 0.46 -7.98 -1.89
N LYS A 492 0.94 -8.16 -0.66
CA LYS A 492 2.36 -8.33 -0.40
C LYS A 492 2.73 -9.81 -0.25
N VAL A 493 4.01 -10.11 -0.42
CA VAL A 493 4.48 -11.49 -0.27
C VAL A 493 4.01 -11.95 1.10
N ASP A 494 3.40 -13.14 1.15
CA ASP A 494 2.93 -13.68 2.42
C ASP A 494 4.07 -14.50 3.02
N ARG A 495 4.98 -13.83 3.73
CA ARG A 495 6.13 -14.51 4.32
C ARG A 495 5.78 -15.46 5.48
N LYS A 496 4.78 -15.10 6.27
CA LYS A 496 4.36 -15.96 7.40
C LYS A 496 3.82 -17.28 6.87
N LYS A 497 2.92 -17.19 5.90
CA LYS A 497 2.32 -18.37 5.31
C LYS A 497 3.42 -19.27 4.73
N LEU A 498 4.37 -18.65 4.04
CA LEU A 498 5.47 -19.39 3.44
C LEU A 498 6.27 -20.09 4.54
N LEU A 499 6.63 -19.35 5.58
CA LEU A 499 7.38 -19.91 6.70
C LEU A 499 6.60 -21.06 7.33
N SER A 500 5.29 -20.89 7.42
CA SER A 500 4.41 -21.88 7.99
C SER A 500 4.46 -23.21 7.25
N GLU A 501 4.30 -23.17 5.94
CA GLU A 501 4.29 -24.40 5.15
C GLU A 501 5.66 -25.03 4.92
N VAL A 502 6.69 -24.22 4.66
CA VAL A 502 8.02 -24.78 4.43
C VAL A 502 8.56 -25.37 5.72
N THR A 503 8.18 -24.77 6.84
CA THR A 503 8.65 -25.23 8.15
C THR A 503 7.96 -26.55 8.50
N ALA A 504 6.68 -26.67 8.15
CA ALA A 504 5.92 -27.89 8.42
C ALA A 504 6.42 -29.03 7.53
N DAL B . 2.76 3.08 2.69
CA DAL B . 3.22 1.96 1.87
CB DAL B . 2.26 1.73 0.70
C DAL B . 3.31 0.72 2.74
O DAL B . 3.52 -0.39 2.25
P AMP C . 3.39 -0.29 5.18
O1P AMP C . 2.38 -1.37 5.17
O2P AMP C . 2.99 0.84 4.11
O3P AMP C . 3.45 0.35 6.57
O5' AMP C . 4.86 -0.92 4.80
C5' AMP C . 6.09 -0.04 4.68
C4' AMP C . 7.16 -0.82 4.56
O4' AMP C . 7.18 -1.41 3.21
C3' AMP C . 8.47 0.04 4.68
O3' AMP C . 8.84 0.20 5.99
C2' AMP C . 9.44 -0.69 3.68
O2' AMP C . 10.12 -1.85 4.46
C1' AMP C . 8.51 -1.31 2.64
N9 AMP C . 8.50 -0.58 1.47
C8 AMP C . 7.63 0.45 1.09
N7 AMP C . 7.95 0.88 -0.10
C5 AMP C . 9.02 0.16 -0.55
C6 AMP C . 9.78 0.17 -1.72
N6 AMP C . 9.51 1.02 -2.74
N1 AMP C . 10.85 -0.73 -1.84
C2 AMP C . 11.16 -1.64 -0.81
N3 AMP C . 10.43 -1.68 0.35
C4 AMP C . 9.37 -0.75 0.44
#